data_7A1O
#
_entry.id   7A1O
#
_cell.length_a   86.288
_cell.length_b   86.288
_cell.length_c   146.934
_cell.angle_alpha   90.000
_cell.angle_beta   90.000
_cell.angle_gamma   90.000
#
_symmetry.space_group_name_H-M   'P 41 21 2'
#
loop_
_entity.id
_entity.type
_entity.pdbx_description
1 polymer 'Hypoxia-inducible factor 1-alpha inhibitor'
2 polymer 'CONSENSUS ANKYRIN REPEAT DOMAIN'
3 non-polymer 'ZINC ION'
4 non-polymer 'SULFATE ION'
5 non-polymer 4-ethyl-2-oxoglutarate
6 water water
#
loop_
_entity_poly.entity_id
_entity_poly.type
_entity_poly.pdbx_seq_one_letter_code
_entity_poly.pdbx_strand_id
1 'polypeptide(L)'
;MAATAAEAVASGSGEPREEAGALGPAWDESQLRSYSFPTRPIPRLSQSDPRAEELIENEEPVVLTDTNLVYPALKWDLEY
LQENIGNGDFSVYSASTHKFLYYDEKKMANFQNFKPRSNREEMKFHEFVEKLQDIQQRGGEERLYLQQTLNDTVGRKIVM
DFLGFNWNWINKQQGKRGWGQLTSNLLLIGMEGNVTPAHYDEQQNFFAQIKGYKRCILFPPDQFECLYPYPVHHPCDRQS
QVDFDNPDYERFPNFQNVVGYETVVGPGDVLYIPMYWWHHIESLLNGGITITVNFWYKGAPTPKRIEYPLKAHQKVAIMR
NIEKMLGEALGNPQEVGPLLNTMIKGRYN
;
A
2 'polypeptide(L)' HLEVVKLLLEAGADVNAQDK B
#
loop_
_chem_comp.id
_chem_comp.type
_chem_comp.name
_chem_comp.formula
QVT non-polymer 4-ethyl-2-oxoglutarate 'C7 H10 O5'
SO4 non-polymer 'SULFATE ION' 'O4 S -2'
ZN non-polymer 'ZINC ION' 'Zn 2'
#
# COMPACT_ATOMS: atom_id res chain seq x y z
N ALA A 3 24.57 -19.76 6.44
CA ALA A 3 24.33 -18.33 6.31
C ALA A 3 24.83 -17.81 4.97
N THR A 4 25.84 -18.49 4.41
CA THR A 4 26.31 -18.13 3.08
C THR A 4 25.17 -18.17 2.06
N ALA A 5 24.36 -19.24 2.11
CA ALA A 5 23.22 -19.35 1.23
C ALA A 5 22.11 -18.38 1.59
N ALA A 6 22.07 -17.90 2.83
CA ALA A 6 21.06 -16.92 3.22
C ALA A 6 21.35 -15.56 2.60
N GLU A 7 22.59 -15.08 2.74
CA GLU A 7 22.96 -13.81 2.13
C GLU A 7 22.74 -13.82 0.62
N ALA A 8 22.82 -15.00 0.00
CA ALA A 8 22.60 -15.11 -1.44
C ALA A 8 21.11 -15.24 -1.77
N VAL A 9 20.35 -15.94 -0.93
CA VAL A 9 18.92 -16.06 -1.14
C VAL A 9 18.22 -14.71 -1.04
N ALA A 10 18.83 -13.74 -0.36
CA ALA A 10 18.29 -12.38 -0.27
C ALA A 10 18.69 -11.61 -1.54
N SER A 11 18.04 -11.99 -2.63
CA SER A 11 18.38 -11.46 -3.96
C SER A 11 17.68 -10.15 -4.29
N GLY A 12 16.92 -9.58 -3.36
CA GLY A 12 16.19 -8.36 -3.67
C GLY A 12 15.16 -8.62 -4.75
N SER A 13 15.11 -7.72 -5.73
CA SER A 13 14.25 -7.87 -6.89
C SER A 13 14.90 -8.65 -8.01
N GLY A 14 16.04 -9.28 -7.76
CA GLY A 14 16.74 -10.02 -8.79
C GLY A 14 17.28 -9.10 -9.87
N GLU A 15 17.77 -9.74 -10.94
CA GLU A 15 18.32 -9.00 -12.05
C GLU A 15 17.22 -8.17 -12.71
N PRO A 16 17.49 -6.92 -13.08
CA PRO A 16 16.45 -6.13 -13.76
C PRO A 16 15.98 -6.82 -15.03
N ARG A 17 14.66 -6.80 -15.24
CA ARG A 17 14.09 -7.39 -16.44
C ARG A 17 14.66 -6.71 -17.68
N GLU A 18 14.83 -7.51 -18.74
CA GLU A 18 15.20 -6.98 -20.05
C GLU A 18 13.93 -6.84 -20.88
N GLU A 19 13.77 -5.70 -21.53
CA GLU A 19 12.54 -5.39 -22.25
C GLU A 19 12.60 -5.95 -23.67
N ALA A 20 11.43 -6.34 -24.17
CA ALA A 20 11.33 -6.89 -25.52
C ALA A 20 11.85 -5.89 -26.54
N GLY A 21 12.25 -6.42 -27.70
CA GLY A 21 12.86 -5.58 -28.70
C GLY A 21 14.25 -5.10 -28.38
N ALA A 22 14.90 -5.67 -27.36
CA ALA A 22 16.27 -5.33 -26.99
C ALA A 22 16.39 -3.85 -26.62
N LEU A 23 15.47 -3.38 -25.79
CA LEU A 23 15.45 -1.99 -25.36
C LEU A 23 16.21 -1.77 -24.06
N GLY A 24 17.07 -2.71 -23.67
CA GLY A 24 17.93 -2.52 -22.52
C GLY A 24 17.23 -2.86 -21.22
N PRO A 25 17.98 -2.78 -20.12
CA PRO A 25 17.38 -3.07 -18.81
C PRO A 25 16.30 -2.05 -18.47
N ALA A 26 15.15 -2.55 -18.03
CA ALA A 26 14.05 -1.66 -17.65
C ALA A 26 14.49 -0.67 -16.58
N TRP A 27 15.45 -1.06 -15.74
CA TRP A 27 15.94 -0.21 -14.67
C TRP A 27 17.28 -0.78 -14.20
N ASP A 28 17.94 -0.04 -13.32
CA ASP A 28 19.21 -0.46 -12.76
C ASP A 28 19.16 -0.31 -11.24
N GLU A 29 20.00 -1.09 -10.56
CA GLU A 29 19.96 -1.14 -9.10
C GLU A 29 20.15 0.24 -8.48
N SER A 30 20.86 1.13 -9.17
CA SER A 30 21.16 2.45 -8.59
C SER A 30 19.91 3.29 -8.39
N GLN A 31 18.80 2.93 -9.04
CA GLN A 31 17.55 3.67 -8.88
C GLN A 31 16.80 3.28 -7.62
N LEU A 32 17.29 2.30 -6.86
CA LEU A 32 16.62 1.81 -5.66
C LEU A 32 17.27 2.41 -4.43
N ARG A 33 16.46 2.88 -3.49
CA ARG A 33 16.99 3.41 -2.25
C ARG A 33 17.59 2.29 -1.40
N SER A 34 18.53 2.66 -0.54
CA SER A 34 19.26 1.71 0.30
C SER A 34 18.64 1.66 1.68
N TYR A 35 18.39 0.45 2.18
CA TYR A 35 17.76 0.24 3.46
C TYR A 35 18.56 -0.76 4.27
N SER A 36 18.19 -0.91 5.55
CA SER A 36 18.98 -1.65 6.51
C SER A 36 18.67 -3.14 6.53
N PHE A 37 17.60 -3.59 5.87
CA PHE A 37 17.11 -4.95 6.07
C PHE A 37 17.29 -5.78 4.80
N PRO A 38 17.41 -7.10 4.93
CA PRO A 38 17.46 -7.97 3.75
C PRO A 38 16.08 -8.17 3.15
N THR A 39 16.07 -8.59 1.89
CA THR A 39 14.82 -8.86 1.20
C THR A 39 14.97 -10.06 0.27
N ARG A 40 13.85 -10.69 -0.02
CA ARG A 40 13.74 -11.75 -1.01
C ARG A 40 12.95 -11.26 -2.22
N PRO A 41 13.07 -11.93 -3.35
CA PRO A 41 12.22 -11.59 -4.51
C PRO A 41 10.83 -12.15 -4.33
N ILE A 42 9.83 -11.34 -4.67
CA ILE A 42 8.47 -11.87 -4.82
C ILE A 42 8.38 -12.64 -6.13
N PRO A 43 7.68 -13.77 -6.20
CA PRO A 43 7.60 -14.50 -7.47
C PRO A 43 6.92 -13.68 -8.56
N ARG A 44 7.49 -13.76 -9.77
CA ARG A 44 6.86 -13.22 -10.98
C ARG A 44 6.39 -14.41 -11.81
N LEU A 45 5.08 -14.58 -11.91
CA LEU A 45 4.49 -15.75 -12.54
C LEU A 45 3.42 -15.31 -13.53
N SER A 46 2.97 -16.26 -14.33
CA SER A 46 1.88 -16.04 -15.27
C SER A 46 0.54 -16.32 -14.59
N GLN A 47 -0.50 -15.64 -15.09
CA GLN A 47 -1.85 -15.87 -14.58
C GLN A 47 -2.21 -17.35 -14.60
N SER A 48 -1.76 -18.07 -15.62
CA SER A 48 -2.12 -19.46 -15.81
C SER A 48 -1.25 -20.42 -15.00
N ASP A 49 -0.19 -19.94 -14.36
CA ASP A 49 0.68 -20.80 -13.58
C ASP A 49 -0.05 -21.24 -12.32
N PRO A 50 -0.22 -22.54 -12.08
CA PRO A 50 -0.93 -22.96 -10.86
C PRO A 50 -0.26 -22.47 -9.59
N ARG A 51 1.06 -22.29 -9.59
CA ARG A 51 1.73 -21.74 -8.42
C ARG A 51 1.17 -20.38 -8.07
N ALA A 52 0.90 -19.54 -9.07
CA ALA A 52 0.31 -18.24 -8.79
C ALA A 52 -1.05 -18.38 -8.13
N GLU A 53 -1.83 -19.37 -8.52
CA GLU A 53 -3.12 -19.61 -7.90
C GLU A 53 -2.95 -20.06 -6.45
N GLU A 54 -1.90 -20.84 -6.17
CA GLU A 54 -1.67 -21.33 -4.81
C GLU A 54 -1.23 -20.20 -3.89
N LEU A 55 -0.55 -19.18 -4.41
CA LEU A 55 -0.10 -18.09 -3.58
C LEU A 55 -1.25 -17.15 -3.22
N ILE A 56 -2.16 -16.92 -4.16
CA ILE A 56 -3.27 -16.01 -3.89
C ILE A 56 -4.22 -16.61 -2.87
N GLU A 57 -4.60 -17.88 -3.06
CA GLU A 57 -5.52 -18.51 -2.11
C GLU A 57 -4.90 -18.57 -0.72
N ASN A 58 -3.60 -18.80 -0.63
CA ASN A 58 -2.90 -18.79 0.65
C ASN A 58 -2.52 -17.39 1.10
N GLU A 59 -3.01 -16.35 0.42
CA GLU A 59 -2.79 -14.97 0.82
C GLU A 59 -1.30 -14.66 0.94
N GLU A 60 -0.56 -14.99 -0.11
CA GLU A 60 0.85 -14.61 -0.23
C GLU A 60 1.06 -13.77 -1.48
N PRO A 61 1.98 -12.82 -1.44
CA PRO A 61 2.13 -11.90 -2.59
C PRO A 61 2.66 -12.62 -3.81
N VAL A 62 2.34 -12.06 -4.97
CA VAL A 62 2.77 -12.62 -6.25
C VAL A 62 2.58 -11.55 -7.30
N VAL A 63 3.55 -11.43 -8.20
CA VAL A 63 3.46 -10.53 -9.34
C VAL A 63 2.96 -11.33 -10.53
N LEU A 64 1.80 -10.95 -11.06
CA LEU A 64 1.23 -11.56 -12.24
C LEU A 64 1.60 -10.72 -13.46
N THR A 65 2.16 -11.36 -14.48
CA THR A 65 2.77 -10.63 -15.59
C THR A 65 1.85 -10.47 -16.79
N ASP A 66 0.79 -11.26 -16.91
CA ASP A 66 0.01 -11.31 -18.15
C ASP A 66 -1.49 -11.42 -17.87
N THR A 67 -1.98 -10.58 -16.96
CA THR A 67 -3.42 -10.58 -16.68
C THR A 67 -4.20 -9.70 -17.65
N ASN A 68 -3.55 -8.70 -18.24
CA ASN A 68 -4.25 -7.69 -19.05
C ASN A 68 -5.33 -7.01 -18.23
N LEU A 69 -5.14 -6.94 -16.91
CA LEU A 69 -6.15 -6.37 -16.03
C LEU A 69 -6.47 -4.92 -16.43
N VAL A 70 -5.44 -4.15 -16.77
CA VAL A 70 -5.63 -2.75 -17.12
C VAL A 70 -5.00 -2.48 -18.48
N TYR A 71 -5.12 -3.44 -19.39
CA TYR A 71 -4.57 -3.28 -20.73
C TYR A 71 -4.97 -1.97 -21.38
N PRO A 72 -6.25 -1.58 -21.39
CA PRO A 72 -6.61 -0.29 -22.01
C PRO A 72 -5.96 0.91 -21.35
N ALA A 73 -5.53 0.78 -20.09
CA ALA A 73 -4.95 1.90 -19.36
C ALA A 73 -3.46 2.06 -19.57
N LEU A 74 -2.82 1.12 -20.27
CA LEU A 74 -1.38 1.21 -20.49
C LEU A 74 -1.00 2.32 -21.46
N LYS A 75 -1.97 2.89 -22.17
CA LYS A 75 -1.74 4.06 -23.00
C LYS A 75 -1.85 5.37 -22.21
N TRP A 76 -2.12 5.28 -20.90
CA TRP A 76 -2.35 6.49 -20.10
C TRP A 76 -1.06 7.26 -19.91
N ASP A 77 -1.12 8.57 -20.12
CA ASP A 77 -0.07 9.50 -19.73
C ASP A 77 -0.75 10.78 -19.26
N LEU A 78 0.06 11.76 -18.83
CA LEU A 78 -0.52 12.99 -18.30
C LEU A 78 -1.38 13.69 -19.36
N GLU A 79 -0.94 13.69 -20.61
CA GLU A 79 -1.70 14.36 -21.66
C GLU A 79 -3.03 13.65 -21.89
N TYR A 80 -2.99 12.32 -22.10
CA TYR A 80 -4.22 11.58 -22.36
C TYR A 80 -5.21 11.74 -21.22
N LEU A 81 -4.74 11.67 -19.97
CA LEU A 81 -5.65 11.79 -18.84
C LEU A 81 -6.17 13.20 -18.69
N GLN A 82 -5.31 14.20 -18.89
CA GLN A 82 -5.76 15.59 -18.81
C GLN A 82 -6.89 15.84 -19.80
N GLU A 83 -6.86 15.19 -20.96
CA GLU A 83 -7.86 15.41 -21.99
C GLU A 83 -9.17 14.67 -21.74
N ASN A 84 -9.15 13.61 -20.91
CA ASN A 84 -10.30 12.70 -20.85
C ASN A 84 -10.71 12.29 -19.44
N ILE A 85 -10.00 12.70 -18.40
CA ILE A 85 -10.33 12.26 -17.05
C ILE A 85 -11.33 13.23 -16.42
N GLY A 86 -11.86 14.15 -17.21
CA GLY A 86 -12.90 15.03 -16.73
C GLY A 86 -12.36 16.19 -15.91
N ASN A 87 -13.30 16.91 -15.29
CA ASN A 87 -13.01 18.11 -14.51
C ASN A 87 -13.28 17.91 -13.02
N GLY A 88 -13.36 16.66 -12.57
CA GLY A 88 -13.59 16.40 -11.16
C GLY A 88 -12.42 16.88 -10.31
N ASP A 89 -12.67 16.93 -9.01
CA ASP A 89 -11.63 17.30 -8.05
C ASP A 89 -10.74 16.10 -7.77
N PHE A 90 -9.43 16.33 -7.74
CA PHE A 90 -8.44 15.30 -7.51
C PHE A 90 -7.60 15.66 -6.29
N SER A 91 -7.54 14.75 -5.33
CA SER A 91 -6.71 14.96 -4.15
C SER A 91 -5.24 14.86 -4.54
N VAL A 92 -4.45 15.83 -4.12
CA VAL A 92 -3.03 15.89 -4.45
C VAL A 92 -2.27 16.29 -3.20
N TYR A 93 -1.50 15.36 -2.63
CA TYR A 93 -0.71 15.65 -1.44
C TYR A 93 0.59 16.33 -1.83
N SER A 94 1.00 17.30 -1.02
CA SER A 94 2.24 18.04 -1.21
C SER A 94 3.17 17.78 -0.04
N ALA A 95 4.45 17.63 -0.31
CA ALA A 95 5.41 17.26 0.72
C ALA A 95 6.74 17.95 0.48
N SER A 96 7.39 18.33 1.58
CA SER A 96 8.77 18.81 1.54
C SER A 96 9.79 17.69 1.38
N THR A 97 9.36 16.44 1.53
CA THR A 97 10.25 15.28 1.55
C THR A 97 9.75 14.25 0.55
N HIS A 98 10.55 13.20 0.36
CA HIS A 98 10.17 12.11 -0.53
C HIS A 98 9.18 11.15 0.10
N LYS A 99 9.04 11.17 1.42
CA LYS A 99 8.16 10.23 2.12
C LYS A 99 6.78 10.85 2.26
N PHE A 100 5.77 10.16 1.74
CA PHE A 100 4.38 10.59 1.83
C PHE A 100 3.64 9.71 2.84
N LEU A 101 3.92 9.95 4.11
CA LEU A 101 3.27 9.21 5.18
C LEU A 101 1.78 9.51 5.21
N TYR A 102 0.97 8.46 5.15
CA TYR A 102 -0.48 8.62 5.19
C TYR A 102 -0.95 8.93 6.60
N TYR A 103 -1.89 9.87 6.71
CA TYR A 103 -2.50 10.23 7.99
C TYR A 103 -3.99 10.40 7.76
N ASP A 104 -4.79 10.00 8.75
CA ASP A 104 -6.24 10.14 8.69
C ASP A 104 -6.62 11.49 9.29
N GLU A 105 -7.13 12.38 8.44
CA GLU A 105 -7.50 13.71 8.91
C GLU A 105 -8.52 13.65 10.04
N LYS A 106 -9.46 12.70 9.95
CA LYS A 106 -10.52 12.63 10.95
C LYS A 106 -9.99 12.30 12.35
N LYS A 107 -8.80 11.72 12.44
CA LYS A 107 -8.21 11.35 13.73
C LYS A 107 -7.24 12.40 14.24
N MET A 108 -7.11 13.53 13.56
CA MET A 108 -6.14 14.54 13.99
C MET A 108 -6.58 15.27 15.25
N ALA A 109 -7.88 15.22 15.59
CA ALA A 109 -8.33 15.86 16.82
C ALA A 109 -7.78 15.16 18.06
N ASN A 110 -7.71 13.82 18.02
CA ASN A 110 -7.22 13.09 19.17
C ASN A 110 -5.76 13.41 19.47
N PHE A 111 -4.98 13.73 18.44
CA PHE A 111 -3.55 14.04 18.57
C PHE A 111 -3.31 15.42 17.97
N GLN A 112 -3.56 16.45 18.78
CA GLN A 112 -3.39 17.83 18.33
C GLN A 112 -1.93 18.26 18.32
N ASN A 113 -1.03 17.46 18.88
CA ASN A 113 0.41 17.71 18.78
C ASN A 113 1.02 17.18 17.49
N PHE A 114 0.25 16.44 16.69
CA PHE A 114 0.77 15.83 15.48
C PHE A 114 0.78 16.85 14.34
N LYS A 115 1.97 17.13 13.81
CA LYS A 115 2.13 18.08 12.72
C LYS A 115 2.44 17.33 11.43
N PRO A 116 1.48 17.11 10.55
CA PRO A 116 1.78 16.38 9.31
C PRO A 116 2.73 17.16 8.42
N ARG A 117 3.50 16.42 7.63
CA ARG A 117 4.39 17.00 6.63
C ARG A 117 3.87 16.79 5.21
N SER A 118 2.68 16.21 5.07
CA SER A 118 1.98 16.15 3.80
C SER A 118 0.67 16.90 3.93
N ASN A 119 0.34 17.72 2.93
CA ASN A 119 -0.87 18.52 2.92
C ASN A 119 -1.70 18.14 1.71
N ARG A 120 -2.96 17.79 1.93
CA ARG A 120 -3.86 17.46 0.83
C ARG A 120 -4.46 18.73 0.25
N GLU A 121 -4.73 18.69 -1.06
CA GLU A 121 -5.30 19.83 -1.75
C GLU A 121 -6.11 19.35 -2.95
N GLU A 122 -7.41 19.66 -2.96
CA GLU A 122 -8.25 19.32 -4.09
C GLU A 122 -7.90 20.21 -5.27
N MET A 123 -7.81 19.60 -6.45
N MET A 123 -7.97 19.65 -6.48
CA MET A 123 -7.36 20.31 -7.64
CA MET A 123 -7.31 20.26 -7.63
C MET A 123 -7.96 19.63 -8.86
C MET A 123 -7.84 19.60 -8.90
N LYS A 124 -8.07 20.40 -9.93
CA LYS A 124 -8.43 19.87 -11.23
C LYS A 124 -7.19 19.24 -11.85
N PHE A 125 -7.39 18.19 -12.65
CA PHE A 125 -6.23 17.42 -13.11
C PHE A 125 -5.29 18.29 -13.94
N HIS A 126 -5.84 19.21 -14.74
CA HIS A 126 -4.97 20.10 -15.50
C HIS A 126 -4.15 21.00 -14.58
N GLU A 127 -4.70 21.36 -13.42
CA GLU A 127 -3.92 22.10 -12.44
C GLU A 127 -2.78 21.27 -11.90
N PHE A 128 -3.01 19.96 -11.71
CA PHE A 128 -1.95 19.08 -11.24
C PHE A 128 -0.82 18.99 -12.27
N VAL A 129 -1.18 18.80 -13.54
CA VAL A 129 -0.17 18.78 -14.60
C VAL A 129 0.57 20.11 -14.66
N GLU A 130 -0.15 21.21 -14.44
CA GLU A 130 0.48 22.52 -14.48
C GLU A 130 1.45 22.69 -13.32
N LYS A 131 0.98 22.48 -12.09
CA LYS A 131 1.88 22.58 -10.94
C LYS A 131 3.01 21.57 -11.05
N LEU A 132 2.73 20.39 -11.61
CA LEU A 132 3.78 19.42 -11.87
C LEU A 132 4.82 20.00 -12.82
N GLN A 133 4.35 20.65 -13.91
CA GLN A 133 5.28 21.22 -14.88
C GLN A 133 6.07 22.37 -14.30
N ASP A 134 5.44 23.18 -13.43
CA ASP A 134 6.15 24.31 -12.85
C ASP A 134 7.31 23.85 -11.98
N ILE A 135 7.04 22.91 -11.06
CA ILE A 135 8.10 22.41 -10.19
C ILE A 135 9.29 21.94 -11.01
N GLN A 136 9.03 21.23 -12.11
CA GLN A 136 10.11 20.81 -12.99
C GLN A 136 10.84 22.01 -13.59
N GLN A 137 10.09 22.93 -14.21
CA GLN A 137 10.70 24.04 -14.92
C GLN A 137 11.51 24.95 -14.00
N ARG A 138 11.31 24.88 -12.69
CA ARG A 138 11.99 25.75 -11.74
C ARG A 138 12.98 25.00 -10.86
N GLY A 139 13.29 23.75 -11.17
CA GLY A 139 14.20 22.97 -10.36
C GLY A 139 13.82 22.95 -8.90
N GLY A 140 12.52 22.94 -8.62
CA GLY A 140 12.05 22.96 -7.25
C GLY A 140 12.16 21.59 -6.60
N GLU A 141 12.34 21.60 -5.28
CA GLU A 141 12.42 20.39 -4.49
C GLU A 141 11.06 19.93 -3.96
N GLU A 142 10.01 20.70 -4.22
CA GLU A 142 8.67 20.27 -3.82
C GLU A 142 8.30 18.97 -4.54
N ARG A 143 7.44 18.19 -3.88
CA ARG A 143 7.02 16.90 -4.41
C ARG A 143 5.51 16.78 -4.32
N LEU A 144 4.94 16.11 -5.32
CA LEU A 144 3.50 15.92 -5.42
C LEU A 144 3.19 14.43 -5.58
N TYR A 145 2.00 14.05 -5.14
CA TYR A 145 1.55 12.67 -5.27
C TYR A 145 0.03 12.68 -5.35
N LEU A 146 -0.51 12.42 -6.54
CA LEU A 146 -1.95 12.37 -6.73
C LEU A 146 -2.48 11.01 -6.28
N GLN A 147 -3.47 11.04 -5.41
CA GLN A 147 -4.12 9.82 -4.91
C GLN A 147 -5.62 10.11 -4.86
N GLN A 148 -6.37 9.56 -5.81
CA GLN A 148 -7.77 9.89 -5.94
C GLN A 148 -8.57 8.64 -6.33
N THR A 149 -9.63 8.38 -5.58
CA THR A 149 -10.57 7.33 -5.96
C THR A 149 -11.31 7.73 -7.24
N LEU A 150 -11.48 6.77 -8.13
CA LEU A 150 -12.10 7.02 -9.43
C LEU A 150 -13.61 6.86 -9.31
N ASN A 151 -14.34 7.87 -9.74
CA ASN A 151 -15.76 8.01 -9.43
C ASN A 151 -16.55 8.26 -10.71
N ASP A 152 -17.73 8.88 -10.56
CA ASP A 152 -18.63 9.10 -11.69
C ASP A 152 -18.18 10.23 -12.60
N THR A 153 -17.27 11.10 -12.14
CA THR A 153 -16.97 12.35 -12.81
C THR A 153 -15.80 12.22 -13.79
N VAL A 154 -15.60 11.05 -14.39
CA VAL A 154 -14.51 10.83 -15.32
C VAL A 154 -15.08 10.78 -16.73
N GLY A 155 -14.28 11.23 -17.70
CA GLY A 155 -14.74 11.35 -19.06
C GLY A 155 -15.13 10.00 -19.67
N ARG A 156 -15.73 10.10 -20.85
CA ARG A 156 -16.28 8.91 -21.51
C ARG A 156 -15.18 7.91 -21.86
N LYS A 157 -14.10 8.38 -22.47
CA LYS A 157 -13.05 7.47 -22.90
C LYS A 157 -12.39 6.78 -21.71
N ILE A 158 -12.22 7.52 -20.61
CA ILE A 158 -11.71 6.89 -19.39
C ILE A 158 -12.69 5.83 -18.90
N VAL A 159 -13.99 6.06 -19.09
CA VAL A 159 -14.98 5.05 -18.76
C VAL A 159 -14.85 3.85 -19.70
N MET A 160 -14.55 4.11 -20.97
CA MET A 160 -14.38 3.01 -21.90
C MET A 160 -13.13 2.20 -21.57
N ASP A 161 -12.05 2.87 -21.16
CA ASP A 161 -10.88 2.15 -20.68
C ASP A 161 -11.24 1.25 -19.51
N PHE A 162 -12.06 1.77 -18.58
CA PHE A 162 -12.46 0.98 -17.43
C PHE A 162 -13.20 -0.28 -17.86
N LEU A 163 -14.18 -0.14 -18.75
CA LEU A 163 -14.92 -1.30 -19.22
C LEU A 163 -13.99 -2.32 -19.87
N GLY A 164 -12.90 -1.85 -20.46
CA GLY A 164 -11.93 -2.73 -21.09
C GLY A 164 -11.01 -3.45 -20.15
N PHE A 165 -11.11 -3.19 -18.84
CA PHE A 165 -10.32 -3.95 -17.87
C PHE A 165 -10.74 -5.42 -17.93
N ASN A 166 -9.82 -6.29 -17.51
CA ASN A 166 -10.08 -7.73 -17.53
C ASN A 166 -10.92 -8.11 -16.30
N TRP A 167 -12.19 -7.68 -16.35
CA TRP A 167 -13.10 -7.98 -15.23
C TRP A 167 -13.38 -9.47 -15.14
N ASN A 168 -13.33 -10.18 -16.27
CA ASN A 168 -13.53 -11.62 -16.22
C ASN A 168 -12.54 -12.29 -15.28
N TRP A 169 -11.26 -11.87 -15.34
CA TRP A 169 -10.24 -12.52 -14.53
C TRP A 169 -10.37 -12.13 -13.07
N ILE A 170 -10.50 -10.83 -12.78
CA ILE A 170 -10.49 -10.38 -11.39
C ILE A 170 -11.80 -10.75 -10.70
N ASN A 171 -12.93 -10.63 -11.41
CA ASN A 171 -14.20 -11.08 -10.82
C ASN A 171 -14.13 -12.54 -10.42
N LYS A 172 -13.48 -13.37 -11.23
CA LYS A 172 -13.33 -14.78 -10.88
C LYS A 172 -12.44 -14.95 -9.65
N GLN A 173 -11.40 -14.12 -9.53
CA GLN A 173 -10.58 -14.16 -8.33
C GLN A 173 -11.38 -13.74 -7.11
N GLN A 174 -12.15 -12.65 -7.22
CA GLN A 174 -13.00 -12.23 -6.11
C GLN A 174 -13.90 -13.37 -5.66
N GLY A 175 -14.45 -14.13 -6.59
CA GLY A 175 -15.38 -15.19 -6.23
C GLY A 175 -14.67 -16.39 -5.62
N LYS A 176 -13.50 -16.75 -6.14
CA LYS A 176 -12.82 -17.94 -5.67
C LYS A 176 -12.17 -17.75 -4.31
N ARG A 177 -11.98 -16.51 -3.87
CA ARG A 177 -11.45 -16.22 -2.55
C ARG A 177 -12.52 -15.79 -1.56
N GLY A 178 -13.77 -15.68 -1.99
CA GLY A 178 -14.84 -15.29 -1.09
C GLY A 178 -14.77 -13.85 -0.63
N TRP A 179 -14.07 -12.99 -1.36
CA TRP A 179 -13.92 -11.61 -0.95
C TRP A 179 -15.26 -10.87 -1.02
N GLY A 180 -15.32 -9.74 -0.34
CA GLY A 180 -16.48 -8.87 -0.39
C GLY A 180 -16.49 -8.07 -1.68
N GLN A 181 -17.16 -6.93 -1.64
CA GLN A 181 -17.31 -6.09 -2.83
C GLN A 181 -16.01 -5.37 -3.16
N LEU A 182 -15.88 -4.96 -4.43
CA LEU A 182 -14.87 -3.98 -4.80
C LEU A 182 -15.26 -2.63 -4.21
N THR A 183 -14.40 -2.07 -3.36
CA THR A 183 -14.74 -0.82 -2.69
C THR A 183 -14.29 0.40 -3.46
N SER A 184 -13.16 0.32 -4.17
CA SER A 184 -12.67 1.49 -4.89
C SER A 184 -11.50 1.10 -5.78
N ASN A 185 -11.17 2.00 -6.69
CA ASN A 185 -9.95 1.93 -7.50
C ASN A 185 -9.22 3.25 -7.29
N LEU A 186 -8.07 3.19 -6.63
CA LEU A 186 -7.30 4.39 -6.34
C LEU A 186 -6.32 4.65 -7.48
N LEU A 187 -6.47 5.80 -8.12
CA LEU A 187 -5.50 6.23 -9.13
C LEU A 187 -4.32 6.90 -8.45
N LEU A 188 -3.12 6.54 -8.87
CA LEU A 188 -1.90 6.97 -8.20
C LEU A 188 -0.91 7.48 -9.24
N ILE A 189 -0.66 8.79 -9.23
CA ILE A 189 0.32 9.41 -10.10
C ILE A 189 1.30 10.14 -9.19
N GLY A 190 2.55 9.68 -9.21
CA GLY A 190 3.58 10.24 -8.36
C GLY A 190 4.83 10.55 -9.14
N MET A 191 5.69 11.35 -8.53
CA MET A 191 6.95 11.75 -9.14
C MET A 191 8.03 10.75 -8.75
N GLU A 192 9.03 10.61 -9.64
CA GLU A 192 10.18 9.76 -9.36
C GLU A 192 10.73 10.08 -7.97
N GLY A 193 11.11 9.03 -7.24
CA GLY A 193 11.64 9.19 -5.90
C GLY A 193 10.59 9.19 -4.81
N ASN A 194 9.32 9.38 -5.13
CA ASN A 194 8.27 9.40 -4.13
C ASN A 194 8.21 8.05 -3.40
N VAL A 195 7.91 8.11 -2.11
CA VAL A 195 7.86 6.93 -1.25
C VAL A 195 6.58 6.98 -0.43
N THR A 196 5.85 5.87 -0.41
CA THR A 196 4.77 5.66 0.54
C THR A 196 5.28 4.74 1.64
N PRO A 197 5.56 5.24 2.84
CA PRO A 197 6.20 4.39 3.86
C PRO A 197 5.32 3.21 4.26
N ALA A 198 5.96 2.27 4.95
CA ALA A 198 5.37 0.96 5.21
C ALA A 198 4.08 1.08 6.00
N HIS A 199 3.09 0.28 5.60
CA HIS A 199 1.77 0.26 6.22
C HIS A 199 1.06 -0.99 5.72
N TYR A 200 -0.05 -1.32 6.37
CA TYR A 200 -0.91 -2.40 5.93
C TYR A 200 -2.33 -1.89 5.78
N ASP A 201 -3.09 -2.56 4.92
CA ASP A 201 -4.47 -2.21 4.63
C ASP A 201 -5.40 -3.35 5.04
N GLU A 202 -6.58 -2.99 5.55
CA GLU A 202 -7.60 -3.97 5.89
C GLU A 202 -8.45 -4.38 4.68
N GLN A 203 -7.84 -4.47 3.50
CA GLN A 203 -8.55 -4.93 2.31
C GLN A 203 -7.57 -5.66 1.42
N GLN A 204 -8.10 -6.58 0.62
CA GLN A 204 -7.31 -7.23 -0.42
C GLN A 204 -7.04 -6.25 -1.54
N ASN A 205 -5.90 -6.41 -2.21
CA ASN A 205 -5.45 -5.41 -3.17
C ASN A 205 -4.78 -6.07 -4.36
N PHE A 206 -5.28 -5.78 -5.55
CA PHE A 206 -4.58 -6.06 -6.80
C PHE A 206 -3.99 -4.75 -7.31
N PHE A 207 -2.67 -4.68 -7.35
CA PHE A 207 -1.90 -3.45 -7.57
C PHE A 207 -1.43 -3.45 -9.02
N ALA A 208 -2.15 -2.72 -9.88
CA ALA A 208 -1.95 -2.78 -11.33
C ALA A 208 -1.11 -1.60 -11.79
N GLN A 209 0.15 -1.86 -12.10
CA GLN A 209 1.07 -0.82 -12.57
C GLN A 209 0.78 -0.47 -14.02
N ILE A 210 0.87 0.83 -14.34
CA ILE A 210 0.48 1.33 -15.65
C ILE A 210 1.66 2.00 -16.33
N LYS A 211 2.27 2.99 -15.68
CA LYS A 211 3.42 3.69 -16.23
C LYS A 211 4.50 3.83 -15.17
N GLY A 212 5.74 3.84 -15.61
CA GLY A 212 6.86 3.93 -14.71
C GLY A 212 7.04 2.64 -13.92
N TYR A 213 7.99 2.68 -12.99
CA TYR A 213 8.34 1.51 -12.21
C TYR A 213 8.28 1.82 -10.73
N LYS A 214 7.80 0.85 -9.95
CA LYS A 214 7.63 0.99 -8.51
C LYS A 214 8.26 -0.19 -7.81
N ARG A 215 9.12 0.09 -6.84
CA ARG A 215 9.69 -0.95 -6.00
C ARG A 215 8.76 -1.18 -4.82
N CYS A 216 8.31 -2.42 -4.66
CA CYS A 216 7.36 -2.79 -3.61
C CYS A 216 8.06 -3.73 -2.64
N ILE A 217 8.18 -3.32 -1.39
CA ILE A 217 8.78 -4.12 -0.32
C ILE A 217 7.67 -4.52 0.63
N LEU A 218 7.42 -5.82 0.74
CA LEU A 218 6.34 -6.34 1.57
C LEU A 218 6.90 -7.10 2.76
N PHE A 219 6.14 -7.12 3.85
CA PHE A 219 6.45 -7.90 5.03
C PHE A 219 5.20 -8.66 5.49
N PRO A 220 5.32 -9.93 5.84
CA PRO A 220 4.13 -10.70 6.25
C PRO A 220 3.54 -10.16 7.54
N PRO A 221 2.28 -10.49 7.82
CA PRO A 221 1.65 -9.97 9.04
C PRO A 221 2.33 -10.41 10.33
N ASP A 222 3.11 -11.51 10.30
CA ASP A 222 3.73 -12.00 11.53
C ASP A 222 4.94 -11.18 11.95
N GLN A 223 5.30 -10.15 11.19
CA GLN A 223 6.34 -9.21 11.60
C GLN A 223 5.76 -7.94 12.20
N PHE A 224 4.52 -8.01 12.70
CA PHE A 224 3.94 -6.91 13.46
C PHE A 224 4.90 -6.43 14.54
N GLU A 225 5.57 -7.36 15.23
CA GLU A 225 6.46 -7.00 16.33
C GLU A 225 7.67 -6.18 15.87
N CYS A 226 8.02 -6.24 14.58
CA CYS A 226 9.21 -5.58 14.09
C CYS A 226 8.95 -4.22 13.44
N LEU A 227 7.68 -3.89 13.17
CA LEU A 227 7.35 -2.71 12.39
C LEU A 227 6.61 -1.64 13.18
N TYR A 228 6.11 -1.95 14.37
CA TYR A 228 5.68 -0.94 15.33
C TYR A 228 4.69 0.06 14.75
N PRO A 229 3.49 -0.38 14.39
CA PRO A 229 2.48 0.58 13.92
C PRO A 229 2.16 1.62 14.97
N TYR A 230 1.63 2.76 14.51
CA TYR A 230 1.16 3.78 15.44
C TYR A 230 -0.04 3.25 16.23
N PRO A 231 -0.40 3.92 17.32
CA PRO A 231 -1.65 3.56 18.00
C PRO A 231 -2.83 3.64 17.06
N VAL A 232 -3.84 2.81 17.33
CA VAL A 232 -5.00 2.73 16.43
C VAL A 232 -5.66 4.09 16.27
N HIS A 233 -5.70 4.88 17.34
CA HIS A 233 -6.37 6.18 17.30
C HIS A 233 -5.46 7.29 16.78
N HIS A 234 -4.18 7.01 16.56
CA HIS A 234 -3.29 8.00 15.98
C HIS A 234 -3.65 8.23 14.50
N PRO A 235 -3.49 9.45 14.00
CA PRO A 235 -3.76 9.68 12.57
C PRO A 235 -3.06 8.70 11.64
N CYS A 236 -1.87 8.25 12.02
CA CYS A 236 -1.10 7.30 11.20
C CYS A 236 -1.38 5.85 11.59
N ASP A 237 -2.60 5.55 12.03
CA ASP A 237 -3.00 4.17 12.26
C ASP A 237 -2.67 3.31 11.04
N ARG A 238 -2.12 2.12 11.30
CA ARG A 238 -1.76 1.11 10.32
C ARG A 238 -0.44 1.41 9.63
N GLN A 239 0.18 2.56 9.89
CA GLN A 239 1.48 2.91 9.31
C GLN A 239 2.58 2.60 10.32
N SER A 240 3.76 2.27 9.80
CA SER A 240 4.90 1.97 10.66
C SER A 240 5.48 3.25 11.23
N GLN A 241 5.88 3.19 12.50
CA GLN A 241 6.58 4.31 13.13
C GLN A 241 8.05 4.37 12.74
N VAL A 242 8.59 3.32 12.14
CA VAL A 242 10.02 3.25 11.88
C VAL A 242 10.35 4.09 10.64
N ASP A 243 11.30 4.99 10.79
CA ASP A 243 11.86 5.71 9.65
C ASP A 243 12.81 4.77 8.94
N PHE A 244 12.37 4.21 7.81
CA PHE A 244 13.22 3.29 7.05
C PHE A 244 14.54 3.93 6.64
N ASP A 245 14.60 5.26 6.58
CA ASP A 245 15.83 5.95 6.22
C ASP A 245 16.76 6.16 7.41
N ASN A 246 16.22 6.19 8.64
CA ASN A 246 17.04 6.34 9.84
C ASN A 246 16.37 5.58 10.97
N PRO A 247 16.42 4.25 10.93
CA PRO A 247 15.71 3.45 11.95
C PRO A 247 16.29 3.67 13.34
N ASP A 248 15.40 3.93 14.29
CA ASP A 248 15.77 4.14 15.69
C ASP A 248 15.66 2.81 16.41
N TYR A 249 16.79 2.11 16.55
CA TYR A 249 16.79 0.78 17.15
C TYR A 249 16.60 0.80 18.66
N GLU A 250 16.74 1.96 19.31
CA GLU A 250 16.46 2.03 20.74
C GLU A 250 14.96 1.93 20.99
N ARG A 251 14.16 2.68 20.23
CA ARG A 251 12.71 2.60 20.36
C ARG A 251 12.14 1.37 19.65
N PHE A 252 12.75 0.96 18.55
CA PHE A 252 12.23 -0.11 17.69
C PHE A 252 13.24 -1.23 17.53
N PRO A 253 13.63 -1.86 18.64
CA PRO A 253 14.75 -2.83 18.57
C PRO A 253 14.50 -3.98 17.61
N ASN A 254 13.27 -4.45 17.49
CA ASN A 254 12.99 -5.62 16.67
C ASN A 254 12.96 -5.31 15.18
N PHE A 255 13.12 -4.05 14.79
CA PHE A 255 13.28 -3.75 13.36
C PHE A 255 14.59 -4.33 12.81
N GLN A 256 15.51 -4.74 13.68
CA GLN A 256 16.73 -5.43 13.26
C GLN A 256 16.46 -6.88 12.89
N ASN A 257 15.24 -7.36 13.07
CA ASN A 257 14.87 -8.71 12.67
C ASN A 257 13.90 -8.72 11.50
N VAL A 258 13.59 -7.56 10.93
CA VAL A 258 12.62 -7.51 9.84
C VAL A 258 13.24 -8.10 8.59
N VAL A 259 12.43 -8.85 7.83
CA VAL A 259 12.85 -9.43 6.55
C VAL A 259 11.71 -9.22 5.56
N GLY A 260 12.01 -8.62 4.42
CA GLY A 260 10.97 -8.26 3.48
C GLY A 260 10.93 -9.07 2.20
N TYR A 261 9.81 -8.99 1.51
CA TYR A 261 9.64 -9.53 0.16
C TYR A 261 9.54 -8.35 -0.80
N GLU A 262 10.34 -8.38 -1.86
CA GLU A 262 10.59 -7.20 -2.67
C GLU A 262 10.44 -7.53 -4.15
N THR A 263 10.07 -6.52 -4.93
CA THR A 263 9.93 -6.66 -6.36
C THR A 263 9.79 -5.27 -6.97
N VAL A 264 10.09 -5.19 -8.26
CA VAL A 264 9.88 -3.98 -9.05
C VAL A 264 8.84 -4.30 -10.12
N VAL A 265 7.70 -3.61 -10.06
CA VAL A 265 6.64 -3.81 -11.04
C VAL A 265 6.73 -2.70 -12.08
N GLY A 266 6.36 -3.04 -13.31
CA GLY A 266 6.31 -2.09 -14.39
C GLY A 266 5.01 -2.18 -15.15
N PRO A 267 4.87 -1.38 -16.21
CA PRO A 267 3.63 -1.39 -16.99
C PRO A 267 3.18 -2.79 -17.36
N GLY A 268 1.95 -3.15 -17.00
CA GLY A 268 1.39 -4.45 -17.29
C GLY A 268 1.46 -5.42 -16.13
N ASP A 269 2.30 -5.17 -15.15
CA ASP A 269 2.40 -6.05 -13.99
C ASP A 269 1.26 -5.78 -13.01
N VAL A 270 0.83 -6.83 -12.33
CA VAL A 270 -0.17 -6.75 -11.28
C VAL A 270 0.40 -7.44 -10.06
N LEU A 271 0.49 -6.71 -8.95
CA LEU A 271 1.01 -7.24 -7.70
C LEU A 271 -0.16 -7.49 -6.74
N TYR A 272 -0.30 -8.73 -6.29
CA TYR A 272 -1.29 -9.04 -5.27
C TYR A 272 -0.70 -8.70 -3.91
N ILE A 273 -1.23 -7.67 -3.27
CA ILE A 273 -0.83 -7.28 -1.92
C ILE A 273 -1.87 -7.85 -0.96
N PRO A 274 -1.61 -8.99 -0.33
CA PRO A 274 -2.66 -9.62 0.49
C PRO A 274 -3.03 -8.73 1.68
N MET A 275 -4.26 -8.92 2.14
CA MET A 275 -4.77 -8.17 3.29
C MET A 275 -3.83 -8.33 4.48
N TYR A 276 -3.61 -7.24 5.21
CA TYR A 276 -2.81 -7.18 6.41
C TYR A 276 -1.31 -7.17 6.12
N TRP A 277 -0.87 -7.49 4.91
CA TRP A 277 0.54 -7.49 4.60
C TRP A 277 1.08 -6.06 4.55
N TRP A 278 2.15 -5.82 5.29
CA TRP A 278 2.84 -4.54 5.18
C TRP A 278 3.41 -4.36 3.77
N HIS A 279 3.49 -3.11 3.33
CA HIS A 279 4.08 -2.84 2.03
C HIS A 279 4.64 -1.42 2.00
N HIS A 280 5.84 -1.29 1.43
CA HIS A 280 6.55 -0.03 1.25
C HIS A 280 6.69 0.19 -0.25
N ILE A 281 6.11 1.28 -0.75
CA ILE A 281 6.05 1.57 -2.18
C ILE A 281 6.91 2.79 -2.46
N GLU A 282 7.82 2.68 -3.43
CA GLU A 282 8.66 3.80 -3.82
C GLU A 282 8.78 3.83 -5.33
N SER A 283 8.62 5.02 -5.91
CA SER A 283 8.84 5.22 -7.34
C SER A 283 10.33 5.34 -7.61
N LEU A 284 10.83 4.55 -8.57
CA LEU A 284 12.26 4.48 -8.80
C LEU A 284 12.84 5.86 -9.05
N LEU A 285 14.04 6.08 -8.50
CA LEU A 285 14.73 7.34 -8.71
C LEU A 285 15.02 7.56 -10.18
N ASN A 286 14.80 8.79 -10.65
CA ASN A 286 15.10 9.17 -12.02
C ASN A 286 14.37 8.28 -13.03
N GLY A 287 13.22 7.75 -12.64
CA GLY A 287 12.41 6.92 -13.50
C GLY A 287 11.19 7.59 -14.10
N GLY A 288 11.07 8.91 -13.96
CA GLY A 288 9.90 9.59 -14.46
C GLY A 288 8.70 9.36 -13.57
N ILE A 289 7.54 9.84 -14.03
CA ILE A 289 6.33 9.67 -13.24
C ILE A 289 5.91 8.20 -13.25
N THR A 290 5.16 7.82 -12.23
CA THR A 290 4.58 6.50 -12.12
C THR A 290 3.06 6.62 -12.09
N ILE A 291 2.39 5.68 -12.75
CA ILE A 291 0.93 5.61 -12.74
C ILE A 291 0.54 4.21 -12.29
N THR A 292 -0.43 4.13 -11.39
CA THR A 292 -0.91 2.86 -10.89
C THR A 292 -2.40 2.97 -10.60
N VAL A 293 -3.10 1.85 -10.72
CA VAL A 293 -4.49 1.73 -10.31
C VAL A 293 -4.60 0.45 -9.49
N ASN A 294 -5.07 0.57 -8.26
CA ASN A 294 -5.27 -0.58 -7.39
C ASN A 294 -6.73 -0.98 -7.39
N PHE A 295 -6.98 -2.18 -6.88
CA PHE A 295 -8.33 -2.76 -6.81
C PHE A 295 -8.51 -3.26 -5.38
N TRP A 296 -9.20 -2.47 -4.55
CA TRP A 296 -9.39 -2.80 -3.15
C TRP A 296 -10.70 -3.57 -2.96
N TYR A 297 -10.58 -4.79 -2.42
CA TYR A 297 -11.73 -5.64 -2.14
C TYR A 297 -11.82 -5.89 -0.64
N LYS A 298 -13.05 -5.89 -0.13
CA LYS A 298 -13.27 -6.30 1.25
C LYS A 298 -12.87 -7.76 1.42
N GLY A 299 -12.28 -8.07 2.58
CA GLY A 299 -11.84 -9.43 2.82
C GLY A 299 -13.00 -10.37 3.12
N ALA A 300 -12.72 -11.66 2.97
CA ALA A 300 -13.72 -12.67 3.27
C ALA A 300 -14.17 -12.55 4.72
N PRO A 301 -15.39 -12.97 5.04
CA PRO A 301 -15.86 -12.89 6.42
C PRO A 301 -15.06 -13.79 7.36
N THR A 302 -15.32 -13.65 8.65
CA THR A 302 -14.69 -14.52 9.63
C THR A 302 -15.34 -15.90 9.57
N PRO A 303 -14.55 -16.98 9.47
CA PRO A 303 -15.16 -18.30 9.29
C PRO A 303 -16.01 -18.70 10.49
N LYS A 304 -17.03 -19.50 10.22
CA LYS A 304 -17.96 -19.94 11.27
C LYS A 304 -17.19 -20.56 12.43
N ARG A 305 -16.41 -21.60 12.15
CA ARG A 305 -15.59 -22.27 13.16
C ARG A 305 -14.19 -21.69 13.12
N ILE A 306 -13.66 -21.35 14.29
CA ILE A 306 -12.30 -20.84 14.43
C ILE A 306 -11.36 -22.00 14.70
N GLU A 307 -10.23 -22.01 14.00
CA GLU A 307 -9.22 -23.04 14.15
C GLU A 307 -8.03 -22.46 14.90
N TYR A 308 -7.59 -23.15 15.95
CA TYR A 308 -6.42 -22.72 16.70
C TYR A 308 -5.21 -23.59 16.37
N PRO A 309 -4.00 -23.02 16.40
CA PRO A 309 -3.66 -21.64 16.77
C PRO A 309 -4.09 -20.60 15.74
N LEU A 310 -4.35 -19.38 16.21
CA LEU A 310 -4.79 -18.31 15.31
C LEU A 310 -3.65 -17.86 14.40
N LYS A 311 -4.01 -17.46 13.19
CA LYS A 311 -3.03 -16.89 12.28
C LYS A 311 -2.63 -15.50 12.75
N ALA A 312 -1.46 -15.06 12.29
CA ALA A 312 -0.95 -13.76 12.70
C ALA A 312 -1.98 -12.65 12.45
N HIS A 313 -2.63 -12.67 11.29
CA HIS A 313 -3.54 -11.59 10.95
C HIS A 313 -4.74 -11.58 11.88
N GLN A 314 -5.13 -12.73 12.41
CA GLN A 314 -6.23 -12.77 13.37
C GLN A 314 -5.84 -12.07 14.68
N LYS A 315 -4.61 -12.28 15.13
CA LYS A 315 -4.15 -11.57 16.32
C LYS A 315 -4.09 -10.07 16.09
N VAL A 316 -3.69 -9.67 14.88
CA VAL A 316 -3.71 -8.24 14.54
C VAL A 316 -5.12 -7.70 14.63
N ALA A 317 -6.09 -8.45 14.12
CA ALA A 317 -7.48 -8.05 14.24
C ALA A 317 -7.89 -7.91 15.71
N ILE A 318 -7.43 -8.84 16.54
CA ILE A 318 -7.75 -8.77 17.97
C ILE A 318 -7.11 -7.54 18.61
N MET A 319 -5.82 -7.34 18.37
CA MET A 319 -5.13 -6.20 18.95
C MET A 319 -5.81 -4.89 18.56
N ARG A 320 -6.16 -4.74 17.28
CA ARG A 320 -6.84 -3.54 16.84
C ARG A 320 -8.14 -3.34 17.61
N ASN A 321 -8.94 -4.40 17.75
CA ASN A 321 -10.23 -4.26 18.40
C ASN A 321 -10.08 -3.95 19.88
N ILE A 322 -9.06 -4.53 20.53
CA ILE A 322 -8.81 -4.21 21.93
C ILE A 322 -8.58 -2.71 22.09
N GLU A 323 -7.68 -2.15 21.28
CA GLU A 323 -7.40 -0.72 21.37
C GLU A 323 -8.66 0.11 21.11
N LYS A 324 -9.49 -0.35 20.18
CA LYS A 324 -10.69 0.41 19.82
C LYS A 324 -11.66 0.48 21.00
N MET A 325 -11.98 -0.67 21.60
CA MET A 325 -13.00 -0.66 22.65
C MET A 325 -12.48 -0.03 23.94
N LEU A 326 -11.18 -0.09 24.19
CA LEU A 326 -10.63 0.62 25.34
C LEU A 326 -10.76 2.13 25.15
N GLY A 327 -10.44 2.62 23.95
CA GLY A 327 -10.68 4.03 23.67
C GLY A 327 -12.14 4.40 23.83
N GLU A 328 -13.03 3.49 23.46
CA GLU A 328 -14.46 3.74 23.62
C GLU A 328 -14.86 3.70 25.09
N ALA A 329 -14.41 2.68 25.82
CA ALA A 329 -14.82 2.52 27.21
C ALA A 329 -14.20 3.59 28.10
N LEU A 330 -12.90 3.87 27.91
CA LEU A 330 -12.25 4.90 28.70
C LEU A 330 -12.72 6.30 28.36
N GLY A 331 -13.44 6.48 27.25
CA GLY A 331 -13.93 7.79 26.88
C GLY A 331 -12.90 8.74 26.34
N ASN A 332 -11.66 8.29 26.15
CA ASN A 332 -10.60 9.15 25.64
C ASN A 332 -9.50 8.28 25.04
N PRO A 333 -9.17 8.46 23.76
CA PRO A 333 -8.11 7.61 23.17
C PRO A 333 -6.79 7.69 23.90
N GLN A 334 -6.42 8.86 24.41
CA GLN A 334 -5.09 9.03 25.00
C GLN A 334 -4.95 8.35 26.35
N GLU A 335 -6.00 7.75 26.89
CA GLU A 335 -5.90 6.97 28.10
C GLU A 335 -5.68 5.48 27.82
N VAL A 336 -5.65 5.09 26.54
CA VAL A 336 -5.42 3.69 26.20
C VAL A 336 -4.02 3.25 26.61
N GLY A 337 -3.02 4.08 26.33
CA GLY A 337 -1.65 3.75 26.67
C GLY A 337 -1.45 3.49 28.15
N PRO A 338 -1.77 4.48 28.99
CA PRO A 338 -1.60 4.28 30.43
C PRO A 338 -2.29 3.04 30.99
N LEU A 339 -3.54 2.78 30.58
CA LEU A 339 -4.23 1.62 31.14
C LEU A 339 -3.53 0.32 30.74
N LEU A 340 -3.10 0.22 29.47
CA LEU A 340 -2.41 -1.00 29.05
C LEU A 340 -1.11 -1.18 29.80
N ASN A 341 -0.32 -0.11 29.95
CA ASN A 341 0.90 -0.21 30.73
C ASN A 341 0.61 -0.65 32.16
N THR A 342 -0.45 -0.10 32.75
CA THR A 342 -0.86 -0.53 34.10
C THR A 342 -1.14 -2.02 34.13
N MET A 343 -1.72 -2.56 33.06
CA MET A 343 -2.04 -3.99 33.03
C MET A 343 -0.78 -4.84 32.94
N ILE A 344 0.28 -4.30 32.34
CA ILE A 344 1.46 -5.09 31.98
C ILE A 344 2.54 -5.00 33.04
N LYS A 345 2.95 -3.78 33.39
CA LYS A 345 4.15 -3.60 34.20
C LYS A 345 4.07 -4.42 35.48
N GLY A 346 5.08 -5.28 35.67
CA GLY A 346 5.13 -6.15 36.82
C GLY A 346 4.12 -7.27 36.81
N ARG A 347 3.40 -7.46 35.71
CA ARG A 347 2.36 -8.48 35.61
C ARG A 347 2.55 -9.42 34.42
N TYR A 348 2.89 -8.89 33.25
CA TYR A 348 3.08 -9.71 32.06
C TYR A 348 4.41 -9.48 31.36
N ASN A 349 5.28 -8.62 31.90
CA ASN A 349 6.55 -8.32 31.24
C ASN A 349 7.74 -8.70 32.10
N LEU B 2 -22.61 -10.91 21.65
CA LEU B 2 -22.80 -12.31 21.31
C LEU B 2 -21.55 -13.12 21.66
N GLU B 3 -20.83 -13.60 20.66
CA GLU B 3 -19.61 -14.37 20.90
C GLU B 3 -18.44 -13.40 21.03
N VAL B 4 -17.82 -13.38 22.21
CA VAL B 4 -16.71 -12.47 22.45
C VAL B 4 -15.58 -12.72 21.47
N VAL B 5 -15.37 -13.97 21.09
CA VAL B 5 -14.29 -14.30 20.16
C VAL B 5 -14.53 -13.67 18.80
N LYS B 6 -15.77 -13.75 18.30
CA LYS B 6 -16.08 -13.18 16.99
C LYS B 6 -15.99 -11.66 17.03
N LEU B 7 -16.38 -11.05 18.14
CA LEU B 7 -16.28 -9.60 18.27
C LEU B 7 -14.83 -9.15 18.11
N LEU B 8 -13.90 -9.85 18.78
CA LEU B 8 -12.49 -9.47 18.73
C LEU B 8 -11.83 -9.83 17.40
N LEU B 9 -12.36 -10.82 16.68
CA LEU B 9 -11.77 -11.21 15.40
C LEU B 9 -12.31 -10.42 14.22
N GLU B 10 -13.42 -9.71 14.38
CA GLU B 10 -13.99 -8.94 13.28
C GLU B 10 -12.95 -7.97 12.74
N ALA B 11 -12.70 -8.04 11.45
CA ALA B 11 -11.75 -7.15 10.78
C ALA B 11 -12.45 -5.89 10.32
N GLY B 12 -11.69 -4.80 10.29
CA GLY B 12 -12.15 -3.56 9.70
C GLY B 12 -11.91 -3.58 8.20
N ALA B 13 -12.02 -2.39 7.59
CA ALA B 13 -11.79 -2.26 6.15
C ALA B 13 -11.12 -0.95 5.79
N ASP B 14 -10.29 -0.41 6.70
CA ASP B 14 -9.63 0.87 6.46
C ASP B 14 -8.47 0.70 5.49
N VAL B 15 -8.32 1.67 4.60
CA VAL B 15 -7.24 1.69 3.61
C VAL B 15 -6.66 3.10 3.58
N ASN B 16 -5.54 3.26 2.87
CA ASN B 16 -4.88 4.55 2.74
C ASN B 16 -5.59 5.40 1.69
N ALA B 17 -6.82 5.78 2.02
CA ALA B 17 -7.61 6.67 1.17
C ALA B 17 -8.49 7.52 2.08
N GLN B 18 -8.20 8.82 2.14
CA GLN B 18 -8.91 9.70 3.06
C GLN B 18 -10.41 9.68 2.76
N ASP B 19 -11.20 9.62 3.84
CA ASP B 19 -12.64 9.65 3.73
C ASP B 19 -13.17 11.08 3.85
N LYS B 20 -14.29 11.34 3.19
CA LYS B 20 -14.91 12.66 3.20
C LYS B 20 -15.99 12.73 4.27
ZN ZN C . -1.49 0.30 1.02
S SO4 D . 0.88 -17.04 9.98
O1 SO4 D . 0.53 -15.80 9.30
O2 SO4 D . 0.21 -17.09 11.29
O3 SO4 D . 2.33 -17.11 10.19
O4 SO4 D . 0.46 -18.17 9.18
S SO4 E . 14.91 11.89 -7.73
O1 SO4 E . 14.27 11.57 -6.46
O2 SO4 E . 15.00 13.34 -7.88
O3 SO4 E . 16.25 11.32 -7.76
O4 SO4 E . 14.12 11.33 -8.83
S SO4 F . 8.55 -12.52 -17.34
O1 SO4 F . 8.39 -11.21 -17.98
O2 SO4 F . 8.87 -12.33 -15.93
O3 SO4 F . 9.64 -13.25 -18.00
O4 SO4 F . 7.32 -13.28 -17.47
C01 QVT G . 1.53 3.68 -3.48
C02 QVT G . -1.87 0.58 -1.78
C03 QVT G . -1.67 4.14 -1.34
C04 QVT G . -0.71 4.46 -2.54
C05 QVT G . 0.46 3.44 -2.49
C06 QVT G . -0.21 2.07 -2.79
C07 QVT G . -0.72 1.29 -1.59
O01 QVT G . 2.38 4.66 -3.12
O02 QVT G . 1.66 3.08 -4.54
O03 QVT G . -2.54 0.31 -2.92
O04 QVT G . -2.47 0.08 -0.88
O05 QVT G . -0.16 1.32 -0.51
H04 QVT G . -2.19 4.93 -1.09
H05 QVT G . -1.18 3.86 -0.56
H03 QVT G . -2.31 3.44 -1.56
H06 QVT G . -0.38 5.37 -2.49
H07 QVT G . -1.19 4.39 -3.39
H08 QVT G . 0.90 3.47 -1.62
H10 QVT G . 0.46 1.54 -3.24
H09 QVT G . -0.95 2.25 -3.39
S SO4 H . 10.40 24.69 -4.38
O1 SO4 H . 10.66 25.40 -3.13
O2 SO4 H . 10.73 25.56 -5.51
O3 SO4 H . 11.23 23.49 -4.42
O4 SO4 H . 8.99 24.32 -4.45
#